data_1BLZ
#
_entry.id   1BLZ
#
_cell.length_a   47.260
_cell.length_b   73.080
_cell.length_c   101.940
_cell.angle_alpha   90.00
_cell.angle_beta   90.00
_cell.angle_gamma   90.00
#
_symmetry.space_group_name_H-M   'P 21 21 21'
#
loop_
_entity.id
_entity.type
_entity.pdbx_description
1 polymer 'ISOPENICILLIN N SYNTHASE'
2 non-polymer 'FE (III) ION'
3 non-polymer L-D-(A-AMINOADIPOYL)-L-CYSTEINYL-D-VALINE
4 non-polymer 'NITRIC OXIDE'
5 water water
#
_entity_poly.entity_id   1
_entity_poly.type   'polypeptide(L)'
_entity_poly.pdbx_seq_one_letter_code
;MGSVSKANVPKIDVSPLFGDDQAAKMRVAQQIDAASRDTGFFYAVNHGINVQRLSQKTKEFHMSITPEEKWDLAIRAYNK
EHQDQVRAGYYLSIPGKKAVESFCYLNPNFTPDHPRIQAKTPTHEVNVWPDETKHPGFQDFAEQYYWDVFGLSSALLKGY
ALALGKEENFFARHFKPDDTLASVVLIRYPYLDPYPEAAIKTAADGTKLSFEWHEDVSLITVLYQSNVQNLQVETAAGYQ
DIEADDTGYLINCGSYMAHLTNNYYKAPIHRVKWVNAERQSLPFFVNLGYDSVIDPFDPREPNGKSDREPLSYGDYLQNG
LVSLINKNGQT
;
_entity_poly.pdbx_strand_id   A
#
loop_
_chem_comp.id
_chem_comp.type
_chem_comp.name
_chem_comp.formula
ACV non-polymer L-D-(A-AMINOADIPOYL)-L-CYSTEINYL-D-VALINE 'C14 H25 N3 O6 S'
FE non-polymer 'FE (III) ION' 'Fe 3'
NO non-polymer 'NITRIC OXIDE' 'N O'
#
# COMPACT_ATOMS: atom_id res chain seq x y z
N SER A 5 20.96 11.02 10.03
CA SER A 5 20.56 11.07 8.59
C SER A 5 19.80 9.82 8.18
N LYS A 6 20.32 8.60 8.34
CA LYS A 6 19.57 7.41 7.93
C LYS A 6 18.67 6.90 9.06
N ALA A 7 17.43 6.56 8.70
CA ALA A 7 16.44 6.05 9.62
C ALA A 7 16.74 4.60 10.04
N ASN A 8 16.41 4.27 11.29
CA ASN A 8 16.59 2.89 11.75
C ASN A 8 15.46 1.98 11.24
N VAL A 9 15.73 1.24 10.17
CA VAL A 9 14.72 0.35 9.59
C VAL A 9 15.26 -1.07 9.57
N PRO A 10 14.87 -1.90 10.55
CA PRO A 10 15.45 -3.24 10.64
C PRO A 10 15.00 -4.23 9.60
N LYS A 11 15.79 -5.28 9.31
CA LYS A 11 15.41 -6.37 8.43
C LYS A 11 14.90 -7.52 9.29
N ILE A 12 13.66 -7.94 9.17
CA ILE A 12 13.07 -9.00 10.00
C ILE A 12 12.77 -10.24 9.18
N ASP A 13 13.30 -11.42 9.54
CA ASP A 13 13.05 -12.70 8.90
C ASP A 13 11.64 -13.13 9.30
N VAL A 14 10.65 -13.03 8.41
CA VAL A 14 9.26 -13.33 8.72
C VAL A 14 8.85 -14.75 8.39
N SER A 15 9.79 -15.64 8.02
CA SER A 15 9.46 -17.03 7.71
C SER A 15 8.78 -17.83 8.81
N PRO A 16 9.08 -17.66 10.10
CA PRO A 16 8.33 -18.37 11.13
C PRO A 16 6.86 -18.08 11.17
N LEU A 17 6.35 -16.95 10.64
CA LEU A 17 4.92 -16.65 10.63
C LEU A 17 4.12 -17.51 9.67
N PHE A 18 4.75 -18.29 8.80
CA PHE A 18 4.09 -19.23 7.91
C PHE A 18 4.01 -20.64 8.49
N GLY A 19 4.72 -20.91 9.60
CA GLY A 19 4.75 -22.25 10.18
C GLY A 19 4.05 -22.42 11.52
N ASP A 20 4.41 -23.48 12.26
CA ASP A 20 3.77 -23.78 13.53
C ASP A 20 4.65 -23.76 14.78
N ASP A 21 5.80 -23.10 14.72
CA ASP A 21 6.66 -22.98 15.91
C ASP A 21 6.29 -21.68 16.62
N GLN A 22 5.42 -21.81 17.64
CA GLN A 22 4.87 -20.67 18.34
C GLN A 22 5.85 -19.76 19.05
N ALA A 23 6.90 -20.28 19.67
CA ALA A 23 7.93 -19.46 20.29
C ALA A 23 8.72 -18.64 19.27
N ALA A 24 9.00 -19.24 18.11
CA ALA A 24 9.67 -18.55 17.00
C ALA A 24 8.76 -17.40 16.50
N LYS A 25 7.45 -17.64 16.47
CA LYS A 25 6.55 -16.54 16.07
C LYS A 25 6.59 -15.35 17.03
N MET A 26 6.63 -15.60 18.36
CA MET A 26 6.71 -14.56 19.36
C MET A 26 7.99 -13.73 19.27
N ARG A 27 9.11 -14.38 18.88
CA ARG A 27 10.36 -13.62 18.72
C ARG A 27 10.25 -12.72 17.48
N VAL A 28 9.48 -13.16 16.47
CA VAL A 28 9.24 -12.20 15.34
C VAL A 28 8.35 -11.05 15.77
N ALA A 29 7.24 -11.31 16.51
CA ALA A 29 6.32 -10.31 17.04
C ALA A 29 7.02 -9.24 17.87
N GLN A 30 8.03 -9.60 18.69
CA GLN A 30 8.79 -8.60 19.42
C GLN A 30 9.54 -7.62 18.52
N GLN A 31 10.10 -8.15 17.41
CA GLN A 31 10.82 -7.29 16.47
C GLN A 31 9.85 -6.31 15.78
N ILE A 32 8.65 -6.82 15.47
CA ILE A 32 7.60 -5.96 14.88
C ILE A 32 7.21 -4.86 15.86
N ASP A 33 7.07 -5.19 17.17
CA ASP A 33 6.69 -4.22 18.19
C ASP A 33 7.73 -3.12 18.33
N ALA A 34 9.00 -3.51 18.40
CA ALA A 34 10.09 -2.55 18.55
C ALA A 34 10.15 -1.58 17.34
N ALA A 35 10.02 -2.13 16.12
CA ALA A 35 10.05 -1.21 14.95
C ALA A 35 8.84 -0.28 14.90
N SER A 36 7.66 -0.80 15.30
CA SER A 36 6.45 0.01 15.31
C SER A 36 6.47 1.15 16.33
N ARG A 37 7.21 0.98 17.43
CA ARG A 37 7.32 2.02 18.45
C ARG A 37 8.50 2.95 18.22
N ASP A 38 9.35 2.66 17.25
CA ASP A 38 10.52 3.50 16.94
C ASP A 38 10.23 4.36 15.69
N THR A 39 10.73 4.04 14.51
CA THR A 39 10.44 4.88 13.35
C THR A 39 9.11 4.53 12.71
N GLY A 40 8.59 3.33 12.94
CA GLY A 40 7.36 2.90 12.29
C GLY A 40 7.60 2.12 11.02
N PHE A 41 8.80 1.80 10.59
CA PHE A 41 9.08 1.01 9.40
C PHE A 41 10.00 -0.19 9.64
N PHE A 42 9.81 -1.28 8.88
CA PHE A 42 10.77 -2.39 8.87
C PHE A 42 10.77 -3.05 7.48
N TYR A 43 11.81 -3.80 7.11
CA TYR A 43 11.84 -4.63 5.92
C TYR A 43 11.55 -6.11 6.25
N ALA A 44 10.56 -6.71 5.61
CA ALA A 44 10.25 -8.13 5.70
C ALA A 44 11.12 -8.91 4.73
N VAL A 45 11.95 -9.85 5.21
CA VAL A 45 12.83 -10.68 4.40
C VAL A 45 12.52 -12.17 4.55
N ASN A 46 12.93 -13.04 3.62
CA ASN A 46 12.61 -14.45 3.55
C ASN A 46 11.11 -14.67 3.47
N HIS A 47 10.47 -13.83 2.63
CA HIS A 47 9.02 -13.82 2.44
C HIS A 47 8.49 -14.80 1.42
N GLY A 48 9.32 -15.43 0.61
CA GLY A 48 8.92 -16.41 -0.35
C GLY A 48 8.39 -15.95 -1.70
N ILE A 49 8.34 -14.66 -1.96
CA ILE A 49 7.77 -14.19 -3.26
C ILE A 49 8.92 -13.96 -4.23
N ASN A 50 8.68 -14.36 -5.51
CA ASN A 50 9.65 -14.13 -6.60
C ASN A 50 9.51 -12.68 -7.07
N VAL A 51 10.24 -11.77 -6.40
CA VAL A 51 10.15 -10.34 -6.72
C VAL A 51 10.91 -10.04 -8.01
N GLN A 52 11.92 -10.78 -8.39
CA GLN A 52 12.57 -10.48 -9.67
C GLN A 52 11.60 -10.73 -10.83
N ARG A 53 10.80 -11.80 -10.79
CA ARG A 53 9.81 -12.08 -11.86
C ARG A 53 8.71 -11.03 -11.80
N LEU A 54 8.22 -10.61 -10.63
CA LEU A 54 7.27 -9.49 -10.49
C LEU A 54 7.78 -8.24 -11.18
N SER A 55 9.02 -7.84 -10.94
CA SER A 55 9.63 -6.66 -11.59
C SER A 55 9.75 -6.85 -13.10
N GLN A 56 10.12 -8.02 -13.59
CA GLN A 56 10.23 -8.20 -15.05
C GLN A 56 8.89 -8.15 -15.75
N LYS A 57 7.85 -8.78 -15.25
CA LYS A 57 6.53 -8.73 -15.88
C LYS A 57 5.95 -7.32 -15.78
N THR A 58 6.15 -6.59 -14.68
CA THR A 58 5.63 -5.21 -14.57
C THR A 58 6.32 -4.31 -15.58
N LYS A 59 7.63 -4.45 -15.74
CA LYS A 59 8.38 -3.64 -16.72
C LYS A 59 7.93 -3.94 -18.14
N GLU A 60 7.66 -5.19 -18.48
CA GLU A 60 7.17 -5.56 -19.82
C GLU A 60 5.84 -4.84 -20.08
N PHE A 61 4.95 -4.74 -19.10
CA PHE A 61 3.67 -4.05 -19.23
C PHE A 61 3.83 -2.56 -19.35
N HIS A 62 4.59 -1.90 -18.46
CA HIS A 62 4.73 -0.45 -18.50
C HIS A 62 5.39 0.04 -19.80
N MET A 63 6.36 -0.70 -20.33
CA MET A 63 7.07 -0.26 -21.52
C MET A 63 6.34 -0.66 -22.80
N SER A 64 5.31 -1.51 -22.77
CA SER A 64 4.65 -1.82 -24.05
C SER A 64 3.28 -1.18 -24.15
N ILE A 65 2.68 -0.65 -23.10
CA ILE A 65 1.35 -0.04 -23.19
C ILE A 65 1.39 1.27 -23.99
N THR A 66 0.35 1.50 -24.79
CA THR A 66 0.29 2.69 -25.68
C THR A 66 -0.77 3.69 -25.27
N PRO A 67 -0.69 4.94 -25.74
CA PRO A 67 -1.65 5.97 -25.42
C PRO A 67 -3.10 5.55 -25.65
N GLU A 68 -3.39 4.85 -26.75
CA GLU A 68 -4.73 4.33 -27.04
C GLU A 68 -5.23 3.46 -25.88
N GLU A 69 -4.37 2.54 -25.43
CA GLU A 69 -4.72 1.63 -24.34
C GLU A 69 -4.92 2.38 -23.03
N LYS A 70 -4.12 3.40 -22.74
CA LYS A 70 -4.30 4.16 -21.50
C LYS A 70 -5.63 4.88 -21.42
N TRP A 71 -6.04 5.55 -22.54
CA TRP A 71 -7.35 6.19 -22.55
C TRP A 71 -8.46 5.16 -22.34
N ASP A 72 -8.32 3.97 -22.94
CA ASP A 72 -9.31 2.92 -22.85
C ASP A 72 -9.42 2.31 -21.45
N LEU A 73 -8.34 2.39 -20.66
CA LEU A 73 -8.38 1.88 -19.29
C LEU A 73 -8.48 2.96 -18.25
N ALA A 74 -8.52 4.26 -18.58
CA ALA A 74 -8.46 5.36 -17.64
C ALA A 74 -9.53 5.51 -16.60
N ILE A 75 -9.17 5.95 -15.37
CA ILE A 75 -10.16 6.25 -14.33
C ILE A 75 -10.93 7.54 -14.66
N ARG A 76 -12.02 7.80 -13.95
CA ARG A 76 -12.89 8.95 -14.14
C ARG A 76 -12.21 10.28 -14.09
N ALA A 77 -11.18 10.49 -13.27
CA ALA A 77 -10.47 11.77 -13.21
C ALA A 77 -9.82 12.14 -14.55
N TYR A 78 -9.54 11.18 -15.42
CA TYR A 78 -8.95 11.43 -16.73
C TYR A 78 -9.89 11.15 -17.89
N ASN A 79 -11.00 10.46 -17.72
CA ASN A 79 -11.92 10.08 -18.80
C ASN A 79 -13.34 10.15 -18.29
N LYS A 80 -14.10 11.21 -18.64
CA LYS A 80 -15.47 11.38 -18.17
C LYS A 80 -16.42 10.28 -18.62
N GLU A 81 -16.12 9.47 -19.62
CA GLU A 81 -16.96 8.37 -20.06
C GLU A 81 -16.98 7.22 -19.03
N HIS A 82 -15.96 7.10 -18.18
CA HIS A 82 -15.82 5.98 -17.26
C HIS A 82 -16.21 6.35 -15.84
N GLN A 83 -17.49 6.70 -15.66
CA GLN A 83 -18.02 7.11 -14.37
C GLN A 83 -17.99 6.02 -13.30
N ASP A 84 -17.99 4.75 -13.61
CA ASP A 84 -17.89 3.71 -12.57
C ASP A 84 -16.47 3.43 -12.13
N GLN A 85 -15.46 3.94 -12.81
CA GLN A 85 -14.07 3.72 -12.46
C GLN A 85 -13.49 4.84 -11.63
N VAL A 86 -13.59 4.76 -10.31
CA VAL A 86 -13.00 5.73 -9.41
C VAL A 86 -11.63 5.24 -8.92
N ARG A 87 -11.52 3.97 -8.53
CA ARG A 87 -10.27 3.39 -8.03
C ARG A 87 -9.51 2.54 -9.04
N ALA A 88 -10.18 1.63 -9.77
CA ALA A 88 -9.49 0.68 -10.64
C ALA A 88 -9.27 1.18 -12.06
N GLY A 89 -8.06 1.00 -12.56
CA GLY A 89 -7.75 1.38 -13.96
C GLY A 89 -6.45 2.15 -14.04
N TYR A 90 -6.28 2.87 -15.17
CA TYR A 90 -5.04 3.61 -15.46
C TYR A 90 -5.07 5.06 -15.03
N TYR A 91 -3.99 5.52 -14.36
CA TYR A 91 -3.87 6.89 -13.86
C TYR A 91 -2.77 7.54 -14.72
N LEU A 92 -3.16 8.36 -15.70
CA LEU A 92 -2.22 8.87 -16.68
C LEU A 92 -1.22 9.93 -16.20
N SER A 93 -0.08 9.96 -16.89
CA SER A 93 0.87 11.05 -16.73
C SER A 93 0.34 12.25 -17.55
N ILE A 94 0.83 13.44 -17.28
CA ILE A 94 0.42 14.63 -18.08
C ILE A 94 1.75 15.18 -18.62
N PRO A 95 2.09 14.82 -19.85
CA PRO A 95 3.37 15.22 -20.42
C PRO A 95 3.63 16.71 -20.23
N GLY A 96 4.81 17.01 -19.70
CA GLY A 96 5.23 18.37 -19.40
C GLY A 96 4.76 18.90 -18.07
N LYS A 97 3.92 18.19 -17.30
CA LYS A 97 3.37 18.66 -16.05
C LYS A 97 3.37 17.64 -14.89
N LYS A 98 3.03 16.37 -15.17
CA LYS A 98 2.96 15.31 -14.16
C LYS A 98 3.72 14.10 -14.68
N ALA A 99 4.77 13.64 -13.96
CA ALA A 99 5.59 12.54 -14.42
C ALA A 99 5.08 11.13 -14.15
N VAL A 100 4.59 10.95 -12.92
CA VAL A 100 4.16 9.59 -12.52
C VAL A 100 2.94 9.07 -13.24
N GLU A 101 2.87 7.77 -13.46
CA GLU A 101 1.71 7.09 -14.02
C GLU A 101 1.53 5.72 -13.34
N SER A 102 0.31 5.18 -13.31
CA SER A 102 0.16 3.89 -12.60
C SER A 102 -1.08 3.13 -13.06
N PHE A 103 -1.14 1.85 -12.67
CA PHE A 103 -2.27 0.97 -12.94
C PHE A 103 -2.76 0.34 -11.62
N CYS A 104 -3.99 0.54 -11.23
CA CYS A 104 -4.52 0.03 -9.95
C CYS A 104 -5.54 -1.07 -10.20
N TYR A 105 -5.44 -2.19 -9.47
CA TYR A 105 -6.46 -3.24 -9.55
C TYR A 105 -6.85 -3.69 -8.14
N LEU A 106 -8.08 -4.19 -7.97
CA LEU A 106 -8.73 -4.61 -6.74
C LEU A 106 -8.86 -6.15 -6.72
N ASN A 107 -9.56 -6.63 -5.67
CA ASN A 107 -9.81 -8.09 -5.54
C ASN A 107 -10.34 -8.73 -6.82
N PRO A 108 -9.69 -9.78 -7.33
CA PRO A 108 -10.17 -10.46 -8.54
C PRO A 108 -11.52 -11.16 -8.34
N ASN A 109 -11.99 -11.38 -7.10
CA ASN A 109 -13.30 -11.96 -6.86
C ASN A 109 -14.40 -10.93 -6.98
N PHE A 110 -14.12 -9.64 -7.18
CA PHE A 110 -15.15 -8.61 -7.44
C PHE A 110 -15.53 -8.72 -8.93
N THR A 111 -16.39 -9.69 -9.21
CA THR A 111 -16.92 -9.94 -10.56
C THR A 111 -18.30 -9.31 -10.67
N PRO A 112 -18.86 -9.27 -11.89
CA PRO A 112 -20.17 -8.66 -12.07
C PRO A 112 -21.27 -9.26 -11.24
N ASP A 113 -21.19 -10.53 -10.85
CA ASP A 113 -22.16 -11.20 -9.99
C ASP A 113 -21.86 -11.10 -8.50
N HIS A 114 -20.77 -10.47 -8.06
CA HIS A 114 -20.52 -10.38 -6.60
C HIS A 114 -21.59 -9.56 -5.93
N PRO A 115 -22.10 -9.89 -4.74
CA PRO A 115 -23.15 -9.14 -4.07
C PRO A 115 -22.86 -7.67 -3.82
N ARG A 116 -21.63 -7.27 -3.56
CA ARG A 116 -21.32 -5.86 -3.34
C ARG A 116 -21.25 -5.04 -4.64
N ILE A 117 -20.95 -5.74 -5.73
CA ILE A 117 -20.95 -5.10 -7.06
C ILE A 117 -22.41 -4.91 -7.49
N GLN A 118 -23.24 -5.91 -7.23
CA GLN A 118 -24.68 -5.83 -7.54
C GLN A 118 -25.34 -4.71 -6.77
N ALA A 119 -24.98 -4.51 -5.50
CA ALA A 119 -25.52 -3.45 -4.66
C ALA A 119 -24.95 -2.06 -4.91
N LYS A 120 -23.88 -1.95 -5.71
CA LYS A 120 -23.24 -0.66 -5.96
C LYS A 120 -22.70 0.01 -4.72
N THR A 121 -22.10 -0.80 -3.81
CA THR A 121 -21.53 -0.26 -2.59
C THR A 121 -20.27 0.57 -2.88
N PRO A 122 -20.13 1.76 -2.34
CA PRO A 122 -18.95 2.59 -2.51
C PRO A 122 -17.68 1.79 -2.24
N THR A 123 -16.60 2.09 -2.95
CA THR A 123 -15.27 1.53 -2.91
C THR A 123 -15.13 0.16 -3.58
N HIS A 124 -16.21 -0.47 -4.06
CA HIS A 124 -16.13 -1.74 -4.76
C HIS A 124 -16.27 -1.59 -6.27
N GLU A 125 -15.36 -2.13 -7.07
CA GLU A 125 -15.43 -2.03 -8.53
C GLU A 125 -14.93 -3.30 -9.20
N VAL A 126 -15.37 -3.65 -10.41
CA VAL A 126 -14.87 -4.72 -11.24
C VAL A 126 -13.60 -4.27 -11.98
N ASN A 127 -12.52 -5.05 -11.95
CA ASN A 127 -11.27 -4.68 -12.57
C ASN A 127 -11.38 -4.54 -14.08
N VAL A 128 -10.53 -3.68 -14.64
CA VAL A 128 -10.40 -3.52 -16.10
C VAL A 128 -9.04 -4.00 -16.56
N TRP A 129 -8.89 -4.67 -17.70
CA TRP A 129 -7.62 -5.24 -18.18
C TRP A 129 -7.33 -4.96 -19.65
N PRO A 130 -6.07 -4.87 -20.03
CA PRO A 130 -5.74 -4.68 -21.45
C PRO A 130 -6.08 -5.90 -22.27
N ASP A 131 -6.00 -5.80 -23.62
CA ASP A 131 -6.27 -6.92 -24.52
C ASP A 131 -5.27 -8.06 -24.32
N GLU A 132 -5.73 -9.30 -24.23
CA GLU A 132 -4.84 -10.46 -24.05
C GLU A 132 -3.84 -10.67 -25.17
N THR A 133 -4.25 -10.43 -26.43
CA THR A 133 -3.35 -10.61 -27.57
C THR A 133 -2.23 -9.58 -27.58
N LYS A 134 -2.45 -8.39 -27.04
CA LYS A 134 -1.40 -7.39 -26.96
C LYS A 134 -0.52 -7.55 -25.72
N HIS A 135 -1.06 -8.15 -24.65
CA HIS A 135 -0.28 -8.35 -23.40
C HIS A 135 -0.42 -9.77 -22.91
N PRO A 136 0.09 -10.76 -23.63
CA PRO A 136 -0.11 -12.16 -23.31
C PRO A 136 0.37 -12.56 -21.92
N GLY A 137 -0.53 -13.19 -21.17
CA GLY A 137 -0.22 -13.64 -19.81
C GLY A 137 -0.28 -12.58 -18.74
N PHE A 138 -0.48 -11.28 -19.05
CA PHE A 138 -0.43 -10.25 -18.01
C PHE A 138 -1.53 -10.40 -16.96
N GLN A 139 -2.78 -10.49 -17.35
CA GLN A 139 -3.88 -10.59 -16.41
C GLN A 139 -3.67 -11.83 -15.52
N ASP A 140 -3.35 -12.98 -16.07
CA ASP A 140 -3.12 -14.17 -15.23
C ASP A 140 -1.97 -13.97 -14.26
N PHE A 141 -0.86 -13.37 -14.67
CA PHE A 141 0.23 -13.08 -13.76
C PHE A 141 -0.22 -12.13 -12.65
N ALA A 142 -0.93 -11.04 -12.95
CA ALA A 142 -1.30 -10.03 -11.98
C ALA A 142 -2.32 -10.55 -10.98
N GLU A 143 -3.23 -11.40 -11.40
CA GLU A 143 -4.21 -11.98 -10.45
C GLU A 143 -3.50 -12.98 -9.51
N GLN A 144 -2.57 -13.80 -10.01
CA GLN A 144 -1.79 -14.70 -9.17
C GLN A 144 -0.97 -13.88 -8.17
N TYR A 145 -0.39 -12.74 -8.56
CA TYR A 145 0.39 -11.89 -7.66
C TYR A 145 -0.49 -11.35 -6.55
N TYR A 146 -1.75 -10.91 -6.78
CA TYR A 146 -2.65 -10.46 -5.73
C TYR A 146 -2.69 -11.58 -4.67
N TRP A 147 -2.88 -12.84 -5.07
CA TRP A 147 -3.03 -13.89 -4.05
C TRP A 147 -1.72 -14.22 -3.37
N ASP A 148 -0.55 -14.12 -3.97
CA ASP A 148 0.76 -14.29 -3.37
C ASP A 148 1.00 -13.20 -2.33
N VAL A 149 0.74 -11.90 -2.57
CA VAL A 149 0.95 -10.84 -1.58
C VAL A 149 -0.15 -10.84 -0.53
N PHE A 150 -1.36 -11.30 -0.85
CA PHE A 150 -2.40 -11.49 0.17
C PHE A 150 -1.88 -12.55 1.18
N GLY A 151 -1.29 -13.63 0.73
CA GLY A 151 -0.79 -14.67 1.68
C GLY A 151 0.33 -14.14 2.55
N LEU A 152 1.28 -13.36 2.06
CA LEU A 152 2.31 -12.69 2.84
C LEU A 152 1.66 -11.76 3.86
N SER A 153 0.70 -10.91 3.47
CA SER A 153 0.06 -9.95 4.33
C SER A 153 -0.70 -10.62 5.46
N SER A 154 -1.33 -11.74 5.20
CA SER A 154 -2.02 -12.50 6.26
C SER A 154 -0.99 -13.00 7.29
N ALA A 155 0.16 -13.49 6.86
CA ALA A 155 1.21 -13.90 7.84
C ALA A 155 1.70 -12.72 8.64
N LEU A 156 1.91 -11.51 8.06
CA LEU A 156 2.31 -10.33 8.79
C LEU A 156 1.28 -9.87 9.79
N LEU A 157 -0.03 -9.95 9.47
CA LEU A 157 -1.08 -9.57 10.41
C LEU A 157 -1.09 -10.49 11.64
N LYS A 158 -0.69 -11.76 11.48
CA LYS A 158 -0.59 -12.64 12.66
C LYS A 158 0.51 -12.10 13.56
N GLY A 159 1.62 -11.61 13.01
CA GLY A 159 2.71 -11.02 13.78
C GLY A 159 2.32 -9.74 14.51
N TYR A 160 1.51 -8.84 13.89
CA TYR A 160 1.07 -7.62 14.55
C TYR A 160 0.11 -7.88 15.72
N ALA A 161 -0.74 -8.91 15.55
CA ALA A 161 -1.67 -9.27 16.60
C ALA A 161 -0.89 -9.78 17.84
N LEU A 162 0.04 -10.70 17.61
CA LEU A 162 0.84 -11.22 18.76
C LEU A 162 1.60 -10.11 19.43
N ALA A 163 2.13 -9.13 18.68
CA ALA A 163 2.90 -8.02 19.25
C ALA A 163 2.09 -7.15 20.20
N LEU A 164 0.80 -6.96 19.91
CA LEU A 164 -0.11 -6.15 20.70
C LEU A 164 -0.78 -6.95 21.82
N GLY A 165 -0.43 -8.21 21.97
CA GLY A 165 -1.03 -9.03 23.02
C GLY A 165 -2.34 -9.70 22.70
N LYS A 166 -2.65 -9.90 21.40
CA LYS A 166 -3.88 -10.53 20.96
C LYS A 166 -3.67 -11.88 20.28
N GLU A 167 -4.67 -12.73 20.16
CA GLU A 167 -4.54 -14.01 19.47
C GLU A 167 -4.21 -13.78 17.99
N GLU A 168 -3.51 -14.70 17.36
CA GLU A 168 -2.98 -14.46 16.01
C GLU A 168 -4.02 -14.15 14.95
N ASN A 169 -5.28 -14.53 15.06
CA ASN A 169 -6.25 -14.17 14.02
C ASN A 169 -7.01 -12.90 14.33
N PHE A 170 -6.58 -12.03 15.27
CA PHE A 170 -7.30 -10.82 15.62
C PHE A 170 -7.61 -9.88 14.43
N PHE A 171 -6.61 -9.68 13.59
CA PHE A 171 -6.81 -8.83 12.41
C PHE A 171 -7.11 -9.72 11.20
N ALA A 172 -6.47 -10.88 11.08
CA ALA A 172 -6.63 -11.77 9.91
C ALA A 172 -8.01 -12.29 9.66
N ARG A 173 -8.85 -12.44 10.68
CA ARG A 173 -10.22 -12.90 10.55
C ARG A 173 -11.07 -11.86 9.82
N HIS A 174 -10.65 -10.60 9.72
CA HIS A 174 -11.35 -9.54 8.98
C HIS A 174 -10.77 -9.31 7.57
N PHE A 175 -9.76 -10.07 7.22
CA PHE A 175 -9.03 -9.99 5.94
C PHE A 175 -9.24 -11.25 5.13
N LYS A 176 -10.27 -11.24 4.23
CA LYS A 176 -10.72 -12.46 3.58
C LYS A 176 -10.74 -12.42 2.07
N PRO A 177 -10.47 -13.50 1.35
CA PRO A 177 -10.50 -13.47 -0.11
C PRO A 177 -11.81 -13.01 -0.69
N ASP A 178 -12.96 -13.33 -0.13
CA ASP A 178 -14.23 -12.97 -0.75
C ASP A 178 -14.57 -11.51 -0.60
N ASP A 179 -14.01 -10.70 0.31
CA ASP A 179 -14.48 -9.32 0.45
C ASP A 179 -13.44 -8.24 0.74
N THR A 180 -12.16 -8.57 0.76
CA THR A 180 -11.15 -7.54 1.04
C THR A 180 -11.17 -6.38 0.04
N LEU A 181 -11.05 -5.16 0.55
CA LEU A 181 -10.94 -3.92 -0.22
C LEU A 181 -9.49 -3.60 -0.58
N ALA A 182 -8.55 -4.50 -0.31
CA ALA A 182 -7.14 -4.29 -0.65
C ALA A 182 -6.92 -4.02 -2.14
N SER A 183 -5.85 -3.24 -2.39
CA SER A 183 -5.52 -2.88 -3.80
C SER A 183 -4.03 -3.08 -4.07
N VAL A 184 -3.68 -3.42 -5.31
CA VAL A 184 -2.32 -3.42 -5.84
C VAL A 184 -2.17 -2.17 -6.73
N VAL A 185 -1.08 -1.41 -6.64
CA VAL A 185 -0.85 -0.31 -7.59
C VAL A 185 0.51 -0.53 -8.24
N LEU A 186 0.61 -0.60 -9.56
CA LEU A 186 1.85 -0.74 -10.32
C LEU A 186 2.27 0.65 -10.79
N ILE A 187 3.16 1.32 -10.07
CA ILE A 187 3.55 2.71 -10.34
C ILE A 187 4.86 2.79 -11.12
N ARG A 188 4.86 3.61 -12.20
CA ARG A 188 6.04 3.89 -12.98
C ARG A 188 6.51 5.33 -12.69
N TYR A 189 7.71 5.51 -12.15
CA TYR A 189 8.33 6.82 -11.97
C TYR A 189 9.39 6.88 -13.06
N PRO A 190 9.25 7.73 -14.07
CA PRO A 190 10.14 7.74 -15.22
C PRO A 190 11.39 8.58 -15.08
N TYR A 191 12.37 8.22 -15.95
CA TYR A 191 13.51 9.11 -16.18
C TYR A 191 13.06 10.10 -17.27
N LEU A 192 13.25 11.40 -17.05
CA LEU A 192 12.85 12.38 -18.09
C LEU A 192 13.91 13.44 -18.28
N ASP A 193 14.19 13.85 -19.53
CA ASP A 193 15.17 14.92 -19.76
C ASP A 193 14.67 15.91 -20.78
N PRO A 194 14.26 17.12 -20.47
CA PRO A 194 14.12 17.78 -19.23
C PRO A 194 12.99 17.28 -18.33
N TYR A 195 13.20 17.32 -17.01
CA TYR A 195 12.13 16.90 -16.08
C TYR A 195 11.19 18.08 -15.83
N PRO A 196 9.88 17.89 -15.90
CA PRO A 196 8.91 18.95 -15.68
C PRO A 196 8.96 19.59 -14.30
N GLU A 197 9.13 20.90 -14.20
CA GLU A 197 9.19 21.61 -12.92
C GLU A 197 7.91 21.57 -12.12
N ALA A 198 6.73 21.47 -12.73
CA ALA A 198 5.47 21.36 -12.03
C ALA A 198 5.29 20.01 -11.33
N ALA A 199 6.10 19.01 -11.73
CA ALA A 199 6.09 17.71 -11.09
C ALA A 199 7.11 17.63 -9.96
N ILE A 200 7.76 18.75 -9.63
CA ILE A 200 8.71 18.82 -8.54
C ILE A 200 8.17 19.81 -7.52
N LYS A 201 7.92 19.38 -6.29
CA LYS A 201 7.45 20.23 -5.20
C LYS A 201 8.61 20.52 -4.27
N THR A 202 8.57 21.55 -3.44
CA THR A 202 9.62 21.84 -2.49
C THR A 202 9.01 21.97 -1.08
N ALA A 203 9.59 21.22 -0.14
CA ALA A 203 9.19 21.21 1.26
C ALA A 203 9.66 22.44 2.02
N ALA A 204 9.10 22.70 3.21
CA ALA A 204 9.51 23.85 4.01
C ALA A 204 10.98 23.85 4.36
N ASP A 205 11.60 22.68 4.50
CA ASP A 205 13.02 22.55 4.81
C ASP A 205 13.90 22.61 3.57
N GLY A 206 13.34 22.80 2.38
CA GLY A 206 14.07 22.87 1.14
C GLY A 206 14.19 21.60 0.33
N THR A 207 13.79 20.44 0.83
CA THR A 207 13.93 19.21 0.03
C THR A 207 13.01 19.17 -1.19
N LYS A 208 13.50 18.71 -2.34
CA LYS A 208 12.68 18.54 -3.54
C LYS A 208 11.92 17.22 -3.45
N LEU A 209 10.61 17.26 -3.68
CA LEU A 209 9.75 16.09 -3.54
C LEU A 209 8.93 15.70 -4.77
N SER A 210 8.51 14.45 -4.84
CA SER A 210 7.51 14.00 -5.80
C SER A 210 6.15 13.87 -5.10
N PHE A 211 6.07 13.67 -3.78
CA PHE A 211 4.81 13.53 -3.04
C PHE A 211 5.00 14.05 -1.62
N GLU A 212 4.13 14.90 -1.10
CA GLU A 212 4.25 15.56 0.17
C GLU A 212 3.93 14.69 1.40
N TRP A 213 4.17 15.26 2.56
CA TRP A 213 3.94 14.55 3.81
C TRP A 213 2.51 14.08 3.95
N HIS A 214 2.35 12.88 4.53
CA HIS A 214 1.05 12.28 4.83
C HIS A 214 1.19 11.06 5.77
N GLU A 215 0.04 10.63 6.28
CA GLU A 215 -0.09 9.32 6.92
C GLU A 215 -0.78 8.37 5.93
N ASP A 216 -0.48 7.06 5.88
CA ASP A 216 -1.17 6.19 4.93
C ASP A 216 -2.64 5.88 5.26
N VAL A 217 -3.43 5.65 4.22
CA VAL A 217 -4.83 5.20 4.35
C VAL A 217 -4.79 3.69 4.16
N SER A 218 -4.63 2.94 5.28
CA SER A 218 -4.54 1.50 5.25
C SER A 218 -4.55 1.00 6.70
N LEU A 219 -4.65 -0.34 6.85
CA LEU A 219 -4.36 -0.98 8.16
C LEU A 219 -2.83 -1.11 8.21
N ILE A 220 -2.22 -1.79 7.23
CA ILE A 220 -0.77 -1.80 7.02
C ILE A 220 -0.53 -1.66 5.50
N THR A 221 0.68 -1.24 5.12
CA THR A 221 1.11 -1.12 3.72
C THR A 221 2.27 -2.07 3.44
N VAL A 222 2.26 -2.86 2.39
CA VAL A 222 3.26 -3.90 2.04
C VAL A 222 3.82 -3.52 0.66
N LEU A 223 5.04 -2.99 0.63
CA LEU A 223 5.60 -2.34 -0.56
C LEU A 223 6.86 -2.92 -1.12
N TYR A 224 6.93 -3.17 -2.45
CA TYR A 224 8.13 -3.57 -3.18
C TYR A 224 8.56 -2.32 -3.97
N GLN A 225 9.85 -2.00 -3.97
CA GLN A 225 10.38 -0.94 -4.82
C GLN A 225 11.74 -1.31 -5.42
N SER A 226 12.05 -0.77 -6.61
CA SER A 226 13.37 -0.89 -7.20
C SER A 226 14.47 -0.38 -6.26
N ASN A 227 15.73 -0.69 -6.59
CA ASN A 227 16.84 -0.23 -5.76
C ASN A 227 17.25 1.23 -5.99
N VAL A 228 16.40 2.21 -5.73
CA VAL A 228 16.67 3.64 -5.84
C VAL A 228 16.10 4.31 -4.59
N GLN A 229 16.96 4.91 -3.77
CA GLN A 229 16.51 5.53 -2.52
C GLN A 229 15.60 6.73 -2.76
N ASN A 230 14.45 6.74 -2.05
CA ASN A 230 13.49 7.84 -2.23
C ASN A 230 12.63 8.21 -1.04
N LEU A 231 12.29 7.30 -0.11
CA LEU A 231 11.40 7.67 0.98
C LEU A 231 12.07 8.28 2.21
N GLN A 232 11.41 9.19 2.90
CA GLN A 232 11.87 9.76 4.17
C GLN A 232 10.77 9.68 5.21
N VAL A 233 11.11 9.51 6.50
CA VAL A 233 10.17 9.47 7.61
C VAL A 233 10.45 10.56 8.64
N GLU A 234 9.42 11.19 9.20
CA GLU A 234 9.59 12.23 10.20
C GLU A 234 9.74 11.60 11.58
N THR A 235 10.88 11.83 12.24
CA THR A 235 11.11 11.31 13.59
C THR A 235 11.28 12.49 14.52
N ALA A 236 11.61 12.23 15.79
CA ALA A 236 11.85 13.32 16.74
C ALA A 236 13.12 14.09 16.38
N ALA A 237 14.02 13.49 15.61
CA ALA A 237 15.22 14.13 15.10
C ALA A 237 15.07 14.70 13.70
N GLY A 238 13.84 14.94 13.22
CA GLY A 238 13.60 15.49 11.89
C GLY A 238 13.35 14.42 10.83
N TYR A 239 13.31 14.83 9.56
CA TYR A 239 13.13 13.86 8.46
C TYR A 239 14.42 13.09 8.20
N GLN A 240 14.33 11.75 8.14
CA GLN A 240 15.45 10.85 7.95
C GLN A 240 15.23 9.95 6.72
N ASP A 241 16.27 9.55 6.01
CA ASP A 241 16.17 8.70 4.82
C ASP A 241 15.97 7.21 5.11
N ILE A 242 15.06 6.58 4.36
CA ILE A 242 14.86 5.13 4.42
C ILE A 242 15.66 4.48 3.30
N GLU A 243 16.60 3.57 3.59
CA GLU A 243 17.39 2.93 2.55
C GLU A 243 16.56 2.03 1.65
N ALA A 244 16.94 1.83 0.38
CA ALA A 244 16.20 0.89 -0.49
C ALA A 244 16.67 -0.54 -0.26
N ASP A 245 15.87 -1.55 -0.56
CA ASP A 245 16.23 -2.96 -0.50
C ASP A 245 15.28 -3.67 -1.47
N ASP A 246 15.79 -3.98 -2.65
CA ASP A 246 15.00 -4.63 -3.70
C ASP A 246 14.86 -6.14 -3.56
N THR A 247 15.26 -6.72 -2.41
CA THR A 247 15.02 -8.11 -2.14
C THR A 247 13.90 -8.26 -1.10
N GLY A 248 13.54 -7.20 -0.39
CA GLY A 248 12.53 -7.29 0.67
C GLY A 248 11.28 -6.46 0.43
N TYR A 249 10.31 -6.56 1.33
CA TYR A 249 9.12 -5.72 1.34
C TYR A 249 9.18 -4.69 2.46
N LEU A 250 9.01 -3.40 2.19
CA LEU A 250 8.94 -2.36 3.23
C LEU A 250 7.54 -2.32 3.81
N ILE A 251 7.41 -2.41 5.14
CA ILE A 251 6.15 -2.48 5.86
C ILE A 251 5.97 -1.29 6.79
N ASN A 252 4.79 -0.68 6.90
CA ASN A 252 4.46 0.35 7.90
C ASN A 252 2.98 0.31 8.23
N CYS A 253 2.53 0.88 9.33
CA CYS A 253 1.15 1.01 9.74
C CYS A 253 0.45 2.23 9.12
N GLY A 254 -0.84 2.06 8.84
CA GLY A 254 -1.65 3.18 8.35
C GLY A 254 -2.53 3.76 9.45
N SER A 255 -3.31 4.83 9.18
CA SER A 255 -4.08 5.51 10.23
C SER A 255 -5.24 4.70 10.78
N TYR A 256 -5.65 3.58 10.20
CA TYR A 256 -6.66 2.73 10.85
C TYR A 256 -5.98 2.00 12.03
N MET A 257 -4.72 1.58 11.88
CA MET A 257 -4.03 0.93 13.03
C MET A 257 -3.82 1.94 14.15
N ALA A 258 -3.47 3.19 13.82
CA ALA A 258 -3.27 4.21 14.87
C ALA A 258 -4.56 4.47 15.61
N HIS A 259 -5.70 4.59 14.93
CA HIS A 259 -6.98 4.75 15.62
C HIS A 259 -7.26 3.56 16.55
N LEU A 260 -7.14 2.33 16.06
CA LEU A 260 -7.43 1.13 16.86
C LEU A 260 -6.57 1.00 18.13
N THR A 261 -5.31 1.40 18.07
CA THR A 261 -4.40 1.31 19.20
C THR A 261 -4.26 2.57 20.01
N ASN A 262 -5.09 3.61 19.83
CA ASN A 262 -4.96 4.88 20.51
C ASN A 262 -3.60 5.51 20.34
N ASN A 263 -3.09 5.46 19.08
CA ASN A 263 -1.79 6.02 18.74
C ASN A 263 -0.61 5.31 19.39
N TYR A 264 -0.77 4.10 19.96
CA TYR A 264 0.35 3.33 20.47
C TYR A 264 1.26 2.90 19.32
N TYR A 265 0.65 2.37 18.25
CA TYR A 265 1.37 2.10 16.98
C TYR A 265 0.93 3.26 16.06
N LYS A 266 1.77 4.28 15.99
CA LYS A 266 1.45 5.46 15.18
C LYS A 266 1.50 5.14 13.69
N ALA A 267 0.75 5.94 12.92
CA ALA A 267 0.90 5.89 11.46
C ALA A 267 2.03 6.91 11.17
N PRO A 268 3.21 6.46 10.78
CA PRO A 268 4.31 7.40 10.59
C PRO A 268 4.08 8.42 9.49
N ILE A 269 4.47 9.68 9.70
CA ILE A 269 4.40 10.71 8.65
C ILE A 269 5.60 10.52 7.75
N HIS A 270 5.41 10.42 6.43
CA HIS A 270 6.49 10.16 5.49
C HIS A 270 6.23 10.88 4.17
N ARG A 271 7.26 10.99 3.32
CA ARG A 271 7.13 11.71 2.04
C ARG A 271 8.06 11.08 1.01
N VAL A 272 7.90 11.41 -0.28
CA VAL A 272 8.68 10.84 -1.35
C VAL A 272 9.59 11.89 -2.01
N LYS A 273 10.90 11.70 -1.94
CA LYS A 273 11.81 12.66 -2.58
C LYS A 273 11.76 12.52 -4.09
N TRP A 274 12.04 13.67 -4.77
CA TRP A 274 12.24 13.68 -6.21
C TRP A 274 13.59 13.09 -6.60
N VAL A 275 13.61 12.13 -7.51
CA VAL A 275 14.83 11.49 -8.02
C VAL A 275 14.63 11.30 -9.53
N ASN A 276 15.56 11.79 -10.36
CA ASN A 276 15.40 11.63 -11.82
C ASN A 276 15.96 10.29 -12.29
N ALA A 277 15.15 9.25 -12.13
CA ALA A 277 15.54 7.88 -12.45
C ALA A 277 14.35 6.99 -12.80
N GLU A 278 14.52 6.07 -13.70
CA GLU A 278 13.51 5.09 -14.10
C GLU A 278 13.35 4.03 -13.00
N ARG A 279 12.19 3.97 -12.37
CA ARG A 279 12.06 3.05 -11.24
C ARG A 279 10.61 2.60 -11.08
N GLN A 280 10.45 1.58 -10.23
CA GLN A 280 9.15 1.00 -9.93
C GLN A 280 8.76 1.14 -8.47
N SER A 281 7.46 1.33 -8.20
CA SER A 281 6.98 1.38 -6.79
C SER A 281 5.67 0.61 -6.79
N LEU A 282 5.61 -0.56 -6.14
CA LEU A 282 4.50 -1.49 -6.23
C LEU A 282 3.87 -1.77 -4.88
N PRO A 283 3.06 -0.89 -4.35
CA PRO A 283 2.39 -1.10 -3.08
C PRO A 283 1.17 -2.02 -3.13
N PHE A 284 0.96 -2.74 -2.01
CA PHE A 284 -0.25 -3.49 -1.70
C PHE A 284 -0.80 -2.86 -0.41
N PHE A 285 -1.99 -2.24 -0.49
CA PHE A 285 -2.60 -1.57 0.65
C PHE A 285 -3.53 -2.57 1.31
N VAL A 286 -3.20 -2.98 2.56
CA VAL A 286 -3.98 -4.00 3.26
C VAL A 286 -5.19 -3.34 3.90
N ASN A 287 -6.34 -3.50 3.24
CA ASN A 287 -7.64 -2.99 3.65
C ASN A 287 -8.53 -4.14 4.11
N LEU A 288 -9.44 -3.90 5.07
CA LEU A 288 -10.36 -4.97 5.50
C LEU A 288 -11.64 -4.96 4.67
N GLY A 289 -12.72 -5.58 5.15
CA GLY A 289 -14.00 -5.55 4.41
C GLY A 289 -14.77 -4.29 4.72
N TYR A 290 -15.81 -4.03 3.89
CA TYR A 290 -16.58 -2.79 4.04
C TYR A 290 -17.23 -2.61 5.42
N ASP A 291 -17.75 -3.72 5.98
CA ASP A 291 -18.41 -3.65 7.28
C ASP A 291 -17.52 -4.03 8.45
N SER A 292 -16.23 -4.34 8.27
CA SER A 292 -15.35 -4.73 9.37
C SER A 292 -15.22 -3.60 10.38
N VAL A 293 -15.39 -3.92 11.67
CA VAL A 293 -15.24 -3.01 12.78
C VAL A 293 -14.44 -3.72 13.88
N ILE A 294 -13.34 -3.13 14.29
CA ILE A 294 -12.52 -3.58 15.42
C ILE A 294 -12.67 -2.53 16.53
N ASP A 295 -13.10 -2.93 17.73
CA ASP A 295 -13.26 -1.97 18.81
C ASP A 295 -11.92 -1.41 19.27
N PRO A 296 -11.81 -0.09 19.32
CA PRO A 296 -10.56 0.55 19.69
C PRO A 296 -10.13 0.16 21.11
N PHE A 297 -8.84 0.08 21.33
CA PHE A 297 -8.30 -0.29 22.65
C PHE A 297 -7.03 0.50 22.91
N ASP A 298 -6.46 0.37 24.12
CA ASP A 298 -5.23 1.10 24.46
C ASP A 298 -4.30 0.19 25.23
N PRO A 299 -3.27 -0.35 24.59
CA PRO A 299 -2.30 -1.20 25.19
C PRO A 299 -1.50 -0.60 26.33
N ARG A 300 -1.46 0.70 26.54
CA ARG A 300 -0.74 1.33 27.62
C ARG A 300 -1.54 1.36 28.92
N GLU A 301 -2.82 1.03 28.85
CA GLU A 301 -3.67 1.05 30.04
C GLU A 301 -3.94 -0.36 30.55
N PRO A 302 -3.83 -0.54 31.86
CA PRO A 302 -4.12 -1.81 32.51
C PRO A 302 -5.39 -2.49 32.04
N ASN A 303 -6.51 -1.77 31.96
CA ASN A 303 -7.76 -2.37 31.52
C ASN A 303 -7.96 -2.30 30.01
N GLY A 304 -7.00 -1.76 29.29
CA GLY A 304 -7.03 -1.64 27.85
C GLY A 304 -8.10 -0.75 27.23
N LYS A 305 -8.79 0.09 27.98
CA LYS A 305 -9.87 0.91 27.47
C LYS A 305 -9.39 2.18 26.81
N SER A 306 -10.12 2.61 25.77
CA SER A 306 -9.79 3.87 25.12
C SER A 306 -11.04 4.73 24.98
N ASP A 307 -10.89 6.05 24.87
CA ASP A 307 -12.06 6.92 24.72
C ASP A 307 -12.28 7.32 23.25
N ARG A 308 -12.19 6.35 22.36
CA ARG A 308 -12.42 6.56 20.93
C ARG A 308 -13.64 5.80 20.44
N GLU A 309 -14.40 6.37 19.51
CA GLU A 309 -15.56 5.70 18.95
C GLU A 309 -15.23 4.74 17.83
N PRO A 310 -15.91 3.60 17.79
CA PRO A 310 -15.69 2.60 16.77
C PRO A 310 -15.99 3.16 15.38
N LEU A 311 -15.18 2.72 14.40
CA LEU A 311 -15.31 3.20 13.02
C LEU A 311 -15.27 2.03 12.05
N SER A 312 -16.22 1.89 11.12
CA SER A 312 -16.15 0.78 10.17
C SER A 312 -15.06 1.05 9.11
N TYR A 313 -14.51 -0.04 8.55
CA TYR A 313 -13.41 0.14 7.58
C TYR A 313 -13.89 0.83 6.31
N GLY A 314 -15.11 0.56 5.85
CA GLY A 314 -15.67 1.18 4.64
C GLY A 314 -15.81 2.69 4.81
N ASP A 315 -16.24 3.17 5.97
CA ASP A 315 -16.36 4.59 6.30
C ASP A 315 -14.99 5.25 6.35
N TYR A 316 -14.04 4.59 7.03
CA TYR A 316 -12.66 5.10 7.09
C TYR A 316 -12.07 5.23 5.67
N LEU A 317 -12.20 4.22 4.83
CA LEU A 317 -11.55 4.19 3.53
C LEU A 317 -12.12 5.25 2.59
N GLN A 318 -13.43 5.34 2.51
CA GLN A 318 -14.07 6.31 1.62
C GLN A 318 -13.65 7.73 1.97
N ASN A 319 -13.65 8.11 3.25
CA ASN A 319 -13.25 9.46 3.63
C ASN A 319 -11.74 9.66 3.57
N GLY A 320 -10.95 8.62 3.82
CA GLY A 320 -9.50 8.72 3.74
C GLY A 320 -8.97 8.92 2.32
N LEU A 321 -9.48 8.20 1.34
CA LEU A 321 -8.99 8.36 -0.05
C LEU A 321 -9.30 9.77 -0.55
N VAL A 322 -10.45 10.32 -0.19
CA VAL A 322 -10.78 11.69 -0.60
C VAL A 322 -9.91 12.73 0.09
N SER A 323 -9.71 12.61 1.40
CA SER A 323 -8.87 13.56 2.11
C SER A 323 -7.45 13.61 1.58
N LEU A 324 -6.87 12.46 1.23
CA LEU A 324 -5.52 12.43 0.70
C LEU A 324 -5.40 13.11 -0.67
N ILE A 325 -6.41 12.95 -1.53
CA ILE A 325 -6.42 13.64 -2.82
C ILE A 325 -6.53 15.14 -2.62
N ASN A 326 -7.38 15.58 -1.68
CA ASN A 326 -7.54 17.03 -1.47
C ASN A 326 -6.28 17.67 -0.93
N LYS A 327 -5.50 16.96 -0.11
CA LYS A 327 -4.30 17.51 0.48
C LYS A 327 -3.09 17.48 -0.46
N ASN A 328 -2.82 16.32 -1.07
CA ASN A 328 -1.64 16.14 -1.88
C ASN A 328 -1.88 16.02 -3.38
N GLY A 329 -3.14 16.07 -3.84
CA GLY A 329 -3.37 16.00 -5.28
C GLY A 329 -3.75 14.69 -5.91
N GLN A 330 -4.44 14.72 -7.06
CA GLN A 330 -4.84 13.50 -7.76
C GLN A 330 -3.64 12.77 -8.34
N THR A 331 -3.49 11.48 -8.07
CA THR A 331 -2.38 10.71 -8.59
C THR A 331 -2.62 10.18 -10.00
FE FE B . 2.56 6.55 1.90
C1 ACV C . -6.74 2.71 -4.11
C2 ACV C . -5.48 3.52 -4.49
C3 ACV C . -4.98 4.30 -3.28
C4 ACV C . -3.65 5.06 -3.59
C7 ACV C . -3.40 5.99 -2.37
C10 ACV C . -2.13 6.75 -2.64
N11 ACV C . -0.97 6.33 -2.21
C12 ACV C . 0.37 6.94 -2.33
C13 ACV C . 1.29 5.92 -2.95
N14 ACV C . -5.81 4.38 -5.73
O15 ACV C . -2.12 7.85 -3.26
C16 ACV C . 0.73 7.44 -0.91
S17 ACV C . 0.77 6.06 0.33
O18 ACV C . 0.97 4.87 -3.49
O19 ACV C . -7.84 3.07 -4.63
O20 ACV C . -6.65 1.85 -3.19
N29 ACV C . 2.63 6.08 -2.77
C30 ACV C . 3.68 5.25 -3.36
C31 ACV C . 4.65 6.01 -4.25
C32 ACV C . 4.40 4.23 -2.42
C33 ACV C . 3.45 3.65 -1.30
C37 ACV C . 5.46 5.06 -1.64
O42 ACV C . 4.48 7.25 -4.45
O43 ACV C . 5.66 5.41 -4.73
N NO D . 4.13 6.95 0.51
O NO D . 4.01 7.80 -0.25
#